data_8Q10
#
_entry.id   8Q10
#
_cell.length_a   44.857
_cell.length_b   72.472
_cell.length_c   52.427
_cell.angle_alpha   90.000
_cell.angle_beta   109.170
_cell.angle_gamma   90.000
#
_symmetry.space_group_name_H-M   'P 1 21 1'
#
loop_
_entity.id
_entity.type
_entity.pdbx_description
1 polymer Endothiapepsin
2 non-polymer (3~{R},5~{R})-3-[2-(hydroxymethyl)-1,3-thiazol-4-yl]-5-[3-[4-(trifluoromethyl)phenyl]-1,2,4-oxadiazol-5-yl]pyrrolidin-3-ol
3 non-polymer 'DIMETHYL SULFOXIDE'
4 non-polymer 'ACETATE ION'
5 non-polymer DI(HYDROXYETHYL)ETHER
6 non-polymer (4S)-2-METHYL-2,4-PENTANEDIOL
7 non-polymer 'TRIETHYLENE GLYCOL'
8 water water
#
_entity_poly.entity_id   1
_entity_poly.type   'polypeptide(L)'
_entity_poly.pdbx_seq_one_letter_code
;STGSATTTPIDSLDDAYITPVQIGTPAQTLNLDFDTGSSDLWVFSSETTASEVDGQTIYTPSKSTTAKLLSGATWSISYG
DGSSSSGDVYTDTVSVGGLTVTGQAVESAKKVSSSFTEDSTIDGLLGLAFSTLNTVSPTQQKTFFDNAKASLDSPVFTAD
LGYHAPGTYNFGFIDTTAYTGSITYTAVSTKQGFWEWTSTGYAVGSGTFKSTSIDGIADTGTTLLYLPATVVSAYWAQVS
GAKSSSSVGGYVFPCSATLPSFTFGVGSARIVIPGDYIDFGPISTGSSSCFGGIQSSAGIGINIFGDVALKAAFVVFNGA
TTPTLGFASK
;
_entity_poly.pdbx_strand_id   A
#
loop_
_chem_comp.id
_chem_comp.type
_chem_comp.name
_chem_comp.formula
ACT non-polymer 'ACETATE ION' 'C2 H3 O2 -1'
DMS non-polymer 'DIMETHYL SULFOXIDE' 'C2 H6 O S'
IJY non-polymer (3~{R},5~{R})-3-[2-(hydroxymethyl)-1,3-thiazol-4-yl]-5-[3-[4-(trifluoromethyl)phenyl]-1,2,4-oxadiazol-5-yl]pyrrolidin-3-ol 'C17 H15 F3 N4 O3 S'
MPD non-polymer (4S)-2-METHYL-2,4-PENTANEDIOL 'C6 H14 O2'
PEG non-polymer DI(HYDROXYETHYL)ETHER 'C4 H10 O3'
PGE non-polymer 'TRIETHYLENE GLYCOL' 'C6 H14 O4'
#
# COMPACT_ATOMS: atom_id res chain seq x y z
N SER A 1 -10.63 20.60 6.27
CA SER A 1 -10.23 20.39 4.89
C SER A 1 -10.37 18.93 4.49
N THR A 2 -10.35 18.68 3.19
CA THR A 2 -10.35 17.33 2.64
C THR A 2 -9.48 17.31 1.40
N GLY A 3 -9.14 16.10 0.97
CA GLY A 3 -8.52 15.90 -0.32
C GLY A 3 -9.06 14.63 -0.95
N SER A 4 -8.95 14.57 -2.28
CA SER A 4 -9.41 13.39 -3.01
C SER A 4 -8.57 13.26 -4.27
N ALA A 5 -7.91 12.13 -4.44
CA ALA A 5 -7.05 11.91 -5.60
C ALA A 5 -7.31 10.53 -6.18
N THR A 6 -7.21 10.44 -7.50
CA THR A 6 -7.36 9.16 -8.17
C THR A 6 -6.02 8.42 -8.17
N THR A 7 -6.09 7.12 -7.90
CA THR A 7 -4.93 6.25 -7.92
C THR A 7 -5.09 5.24 -9.05
N THR A 8 -4.00 4.98 -9.79
CA THR A 8 -4.09 4.25 -11.04
C THR A 8 -3.09 3.09 -11.05
N PRO A 9 -3.49 1.89 -11.45
CA PRO A 9 -2.51 0.80 -11.54
C PRO A 9 -1.40 1.13 -12.52
N ILE A 10 -0.18 0.71 -12.17
CA ILE A 10 0.97 1.01 -13.02
C ILE A 10 1.07 0.10 -14.23
N ASP A 11 0.35 -1.03 -14.22
CA ASP A 11 0.46 -2.01 -15.29
C ASP A 11 -0.79 -2.88 -15.28
N SER A 12 -0.84 -3.84 -16.20
CA SER A 12 -2.01 -4.67 -16.39
C SER A 12 -2.22 -5.69 -15.27
N LEU A 13 -1.28 -5.79 -14.33
CA LEU A 13 -1.38 -6.75 -13.25
C LEU A 13 -1.75 -6.12 -11.92
N ASP A 14 -1.93 -4.80 -11.87
CA ASP A 14 -2.09 -4.10 -10.61
C ASP A 14 -0.87 -4.32 -9.70
N ASP A 15 0.34 -4.26 -10.26
CA ASP A 15 1.53 -4.48 -9.43
C ASP A 15 1.69 -3.41 -8.38
N ALA A 16 1.24 -2.20 -8.67
CA ALA A 16 1.25 -1.10 -7.73
C ALA A 16 0.31 -0.04 -8.30
N TYR A 17 0.02 0.97 -7.48
CA TYR A 17 -0.86 2.06 -7.85
C TYR A 17 -0.11 3.37 -7.64
N ILE A 18 -0.29 4.31 -8.56
CA ILE A 18 0.37 5.60 -8.46
C ILE A 18 -0.68 6.70 -8.38
N THR A 19 -0.38 7.73 -7.61
CA THR A 19 -1.30 8.81 -7.34
C THR A 19 -0.52 10.10 -7.58
N PRO A 20 -1.08 11.06 -8.31
CA PRO A 20 -0.34 12.31 -8.55
C PRO A 20 -0.28 13.15 -7.29
N VAL A 21 0.89 13.73 -7.05
CA VAL A 21 1.16 14.54 -5.87
C VAL A 21 1.87 15.81 -6.32
N GLN A 22 1.38 16.96 -5.88
CA GLN A 22 2.01 18.24 -6.20
C GLN A 22 3.02 18.61 -5.12
N ILE A 23 4.26 18.88 -5.54
CA ILE A 23 5.33 19.26 -4.61
C ILE A 23 5.94 20.57 -5.07
N GLY A 24 6.04 21.53 -4.16
CA GLY A 24 6.78 22.74 -4.43
C GLY A 24 5.96 23.82 -5.11
N THR A 25 6.64 24.94 -5.38
CA THR A 25 6.04 26.14 -5.95
C THR A 25 6.96 26.70 -7.03
N PRO A 26 6.53 26.75 -8.30
CA PRO A 26 5.28 26.18 -8.85
C PRO A 26 5.22 24.68 -8.66
N ALA A 27 4.04 24.10 -8.74
CA ALA A 27 3.87 22.68 -8.48
C ALA A 27 4.73 21.85 -9.42
N GLN A 28 5.35 20.83 -8.86
CA GLN A 28 5.97 19.74 -9.60
C GLN A 28 5.17 18.48 -9.29
N THR A 29 4.53 17.92 -10.30
CA THR A 29 3.66 16.77 -10.07
C THR A 29 4.44 15.48 -10.30
N LEU A 30 4.51 14.67 -9.25
CA LEU A 30 5.14 13.37 -9.31
C LEU A 30 4.09 12.31 -8.98
N ASN A 31 4.24 11.14 -9.58
CA ASN A 31 3.31 10.04 -9.35
C ASN A 31 3.90 9.12 -8.29
N LEU A 32 3.29 9.13 -7.11
CA LEU A 32 3.84 8.43 -5.96
C LEU A 32 3.01 7.20 -5.63
N ASP A 33 3.69 6.20 -5.09
CA ASP A 33 3.06 4.98 -4.62
C ASP A 33 2.68 5.20 -3.15
N PHE A 34 1.37 5.35 -2.88
CA PHE A 34 0.90 5.55 -1.51
C PHE A 34 1.02 4.23 -0.76
N ASP A 35 1.75 4.25 0.34
CA ASP A 35 2.18 3.01 1.00
C ASP A 35 1.78 3.06 2.47
N THR A 36 0.67 2.41 2.82
CA THR A 36 0.28 2.38 4.23
C THR A 36 1.17 1.47 5.08
N GLY A 37 2.16 0.82 4.48
CA GLY A 37 3.13 0.02 5.20
C GLY A 37 4.47 0.67 5.46
N SER A 38 4.62 1.96 5.16
CA SER A 38 5.84 2.68 5.49
C SER A 38 5.49 4.14 5.75
N SER A 39 6.50 4.91 6.17
CA SER A 39 6.21 6.23 6.70
C SER A 39 7.16 7.30 6.18
N ASP A 40 7.77 7.09 5.02
CA ASP A 40 8.64 8.09 4.40
C ASP A 40 7.99 8.55 3.10
N LEU A 41 8.01 9.85 2.88
CA LEU A 41 7.67 10.42 1.59
C LEU A 41 8.99 10.73 0.90
N TRP A 42 9.35 9.92 -0.10
CA TRP A 42 10.60 10.12 -0.78
C TRP A 42 10.37 10.15 -2.29
N VAL A 43 11.24 10.88 -2.99
CA VAL A 43 11.06 11.11 -4.41
C VAL A 43 12.39 10.97 -5.14
N PHE A 44 12.30 10.49 -6.39
CA PHE A 44 13.36 10.72 -7.35
C PHE A 44 13.57 12.22 -7.48
N SER A 45 14.81 12.64 -7.63
CA SER A 45 15.08 14.07 -7.57
C SER A 45 16.26 14.43 -8.47
N SER A 46 16.52 15.73 -8.57
CA SER A 46 17.71 16.24 -9.22
C SER A 46 18.99 15.78 -8.55
N GLU A 47 18.89 15.21 -7.34
CA GLU A 47 20.04 14.70 -6.61
C GLU A 47 20.26 13.22 -6.82
N THR A 48 19.30 12.51 -7.43
CA THR A 48 19.44 11.07 -7.58
C THR A 48 20.55 10.76 -8.59
N THR A 49 21.45 9.85 -8.20
CA THR A 49 22.52 9.37 -9.08
C THR A 49 21.97 9.13 -10.47
N ALA A 50 22.57 9.81 -11.47
CA ALA A 50 22.01 9.82 -12.82
C ALA A 50 21.81 8.42 -13.38
N SER A 51 22.78 7.53 -13.15
CA SER A 51 22.68 6.18 -13.68
C SER A 51 21.55 5.38 -13.07
N GLU A 52 20.95 5.86 -11.99
CA GLU A 52 19.86 5.17 -11.32
C GLU A 52 18.48 5.76 -11.65
N VAL A 53 18.43 6.74 -12.55
CA VAL A 53 17.19 7.33 -13.02
C VAL A 53 16.95 6.85 -14.45
N ASP A 54 15.76 6.28 -14.70
CA ASP A 54 15.41 5.73 -16.00
C ASP A 54 13.93 6.00 -16.29
N GLY A 55 13.61 7.25 -16.61
CA GLY A 55 12.29 7.62 -17.06
C GLY A 55 11.41 8.23 -16.00
N GLN A 56 11.81 8.20 -14.75
CA GLN A 56 11.01 8.80 -13.69
C GLN A 56 10.98 10.33 -13.83
N THR A 57 9.89 10.92 -13.36
CA THR A 57 9.84 12.36 -13.16
C THR A 57 10.55 12.69 -11.85
N ILE A 58 11.39 13.72 -11.88
CA ILE A 58 12.19 14.07 -10.72
C ILE A 58 11.69 15.37 -10.11
N TYR A 59 11.85 15.46 -8.79
CA TYR A 59 11.65 16.69 -8.04
C TYR A 59 12.96 17.47 -8.03
N THR A 60 12.89 18.76 -8.37
CA THR A 60 14.07 19.62 -8.39
C THR A 60 13.84 20.71 -7.35
N PRO A 61 14.37 20.55 -6.14
CA PRO A 61 14.07 21.54 -5.09
C PRO A 61 14.58 22.94 -5.41
N SER A 62 15.66 23.05 -6.20
CA SER A 62 16.18 24.37 -6.56
C SER A 62 15.24 25.16 -7.45
N LYS A 63 14.21 24.52 -8.02
CA LYS A 63 13.21 25.22 -8.81
C LYS A 63 11.95 25.53 -8.02
N SER A 64 11.91 25.22 -6.73
CA SER A 64 10.74 25.46 -5.88
C SER A 64 11.04 26.61 -4.94
N THR A 65 10.21 27.64 -5.00
CA THR A 65 10.43 28.81 -4.14
C THR A 65 10.13 28.52 -2.67
N THR A 66 9.44 27.42 -2.38
CA THR A 66 9.07 27.06 -1.02
C THR A 66 9.92 25.94 -0.44
N ALA A 67 10.84 25.39 -1.21
CA ALA A 67 11.71 24.33 -0.71
C ALA A 67 12.77 24.89 0.21
N LYS A 68 13.06 24.14 1.27
CA LYS A 68 14.13 24.48 2.20
C LYS A 68 14.86 23.21 2.56
N LEU A 69 16.19 23.25 2.52
CA LEU A 69 16.95 22.09 2.97
C LEU A 69 16.68 21.88 4.46
N LEU A 70 16.38 20.65 4.84
CA LEU A 70 16.30 20.28 6.25
C LEU A 70 17.73 19.91 6.63
N SER A 71 18.47 20.90 7.11
N SER A 71 18.46 20.91 7.12
CA SER A 71 19.93 20.79 7.21
CA SER A 71 19.91 20.80 7.23
C SER A 71 20.32 19.64 8.13
C SER A 71 20.32 19.65 8.13
N GLY A 72 21.21 18.79 7.62
CA GLY A 72 21.73 17.68 8.38
C GLY A 72 20.89 16.44 8.40
N ALA A 73 19.67 16.48 7.87
CA ALA A 73 18.78 15.34 7.92
C ALA A 73 19.10 14.37 6.79
N THR A 74 19.16 13.09 7.10
CA THR A 74 19.31 12.06 6.08
C THR A 74 18.28 10.99 6.34
N TRP A 75 18.10 10.13 5.34
CA TRP A 75 17.13 9.05 5.46
C TRP A 75 17.67 7.84 4.71
N SER A 76 17.20 6.67 5.11
CA SER A 76 17.61 5.43 4.47
C SER A 76 16.59 4.38 4.84
N ILE A 77 16.05 3.71 3.83
CA ILE A 77 14.93 2.80 4.05
C ILE A 77 15.10 1.57 3.19
N SER A 78 14.64 0.44 3.70
N SER A 78 14.63 0.44 3.71
CA SER A 78 14.56 -0.79 2.94
CA SER A 78 14.56 -0.80 2.96
C SER A 78 13.13 -1.33 3.02
C SER A 78 13.12 -1.30 3.01
N TYR A 79 12.71 -1.99 1.96
CA TYR A 79 11.35 -2.51 1.86
C TYR A 79 11.36 -4.03 1.92
N GLY A 80 10.16 -4.59 2.07
CA GLY A 80 10.02 -6.01 2.29
C GLY A 80 10.48 -6.87 1.12
N ASP A 81 10.63 -6.30 -0.06
CA ASP A 81 11.14 -7.03 -1.21
C ASP A 81 12.65 -6.95 -1.33
N GLY A 82 13.32 -6.24 -0.44
CA GLY A 82 14.74 -6.05 -0.52
C GLY A 82 15.17 -4.78 -1.21
N SER A 83 14.24 -4.01 -1.75
N SER A 83 14.23 -3.99 -1.74
CA SER A 83 14.61 -2.75 -2.39
CA SER A 83 14.57 -2.73 -2.38
C SER A 83 14.96 -1.71 -1.32
C SER A 83 14.88 -1.67 -1.33
N SER A 84 15.55 -0.61 -1.76
CA SER A 84 16.00 0.40 -0.81
C SER A 84 16.26 1.72 -1.52
N SER A 85 16.34 2.77 -0.71
CA SER A 85 16.66 4.11 -1.20
C SER A 85 17.15 4.94 -0.02
N SER A 86 17.84 6.04 -0.33
CA SER A 86 18.40 6.88 0.71
C SER A 86 18.73 8.26 0.14
N GLY A 87 18.88 9.23 1.05
CA GLY A 87 19.25 10.55 0.59
C GLY A 87 19.17 11.60 1.69
N ASP A 88 18.87 12.82 1.29
CA ASP A 88 18.73 13.94 2.21
C ASP A 88 17.28 14.45 2.15
N VAL A 89 17.02 15.57 2.81
CA VAL A 89 15.65 15.96 3.10
C VAL A 89 15.46 17.45 2.86
N TYR A 90 14.37 17.81 2.18
CA TYR A 90 13.88 19.16 2.07
C TYR A 90 12.52 19.23 2.76
N THR A 91 12.13 20.43 3.18
CA THR A 91 10.73 20.67 3.47
C THR A 91 10.13 21.46 2.31
N ASP A 92 8.88 21.17 1.98
CA ASP A 92 8.23 21.88 0.90
C ASP A 92 6.73 21.71 1.05
N THR A 93 5.99 22.46 0.24
CA THR A 93 4.54 22.35 0.22
C THR A 93 4.15 21.15 -0.62
N VAL A 94 3.31 20.29 -0.06
CA VAL A 94 2.87 19.06 -0.72
C VAL A 94 1.34 19.04 -0.72
N SER A 95 0.77 18.82 -1.90
CA SER A 95 -0.68 18.75 -2.04
C SER A 95 -1.10 17.44 -2.67
N VAL A 96 -2.15 16.84 -2.12
CA VAL A 96 -2.72 15.60 -2.63
C VAL A 96 -4.19 15.88 -2.85
N GLY A 97 -4.62 15.89 -4.11
CA GLY A 97 -6.04 15.99 -4.38
C GLY A 97 -6.69 17.20 -3.76
N GLY A 98 -5.99 18.34 -3.72
CA GLY A 98 -6.52 19.56 -3.16
C GLY A 98 -6.25 19.80 -1.69
N LEU A 99 -5.65 18.84 -0.99
CA LEU A 99 -5.31 18.99 0.42
C LEU A 99 -3.83 19.33 0.50
N THR A 100 -3.50 20.43 1.17
CA THR A 100 -2.15 20.98 1.18
C THR A 100 -1.54 20.91 2.58
N VAL A 101 -0.31 20.42 2.65
CA VAL A 101 0.52 20.50 3.85
C VAL A 101 1.73 21.37 3.53
N THR A 102 1.92 22.42 4.31
CA THR A 102 3.14 23.19 4.20
C THR A 102 4.18 22.63 5.15
N GLY A 103 5.44 22.70 4.75
CA GLY A 103 6.50 22.20 5.60
C GLY A 103 6.60 20.70 5.69
N GLN A 104 6.07 19.98 4.69
CA GLN A 104 6.17 18.53 4.68
C GLN A 104 7.61 18.11 4.37
N ALA A 105 8.10 17.11 5.10
CA ALA A 105 9.40 16.54 4.78
C ALA A 105 9.30 15.77 3.48
N VAL A 106 10.08 16.20 2.48
CA VAL A 106 10.18 15.57 1.18
C VAL A 106 11.59 15.00 1.11
N GLU A 107 11.70 13.68 1.16
CA GLU A 107 12.98 13.02 1.24
C GLU A 107 13.51 12.81 -0.19
N SER A 108 14.61 13.46 -0.50
CA SER A 108 15.16 13.45 -1.84
C SER A 108 16.14 12.29 -1.97
N ALA A 109 15.91 11.40 -2.94
CA ALA A 109 16.79 10.25 -3.10
C ALA A 109 18.11 10.67 -3.72
N LYS A 110 19.20 10.28 -3.07
CA LYS A 110 20.49 10.30 -3.73
C LYS A 110 20.79 8.97 -4.38
N LYS A 111 20.27 7.88 -3.83
CA LYS A 111 20.50 6.53 -4.32
C LYS A 111 19.19 5.75 -4.22
N VAL A 112 18.92 4.94 -5.24
CA VAL A 112 17.80 4.02 -5.23
C VAL A 112 18.30 2.67 -5.74
N SER A 113 17.66 1.61 -5.29
CA SER A 113 18.06 0.28 -5.73
C SER A 113 17.46 -0.03 -7.09
N SER A 114 17.90 -1.14 -7.68
CA SER A 114 17.63 -1.42 -9.09
C SER A 114 16.14 -1.53 -9.38
N SER A 115 15.37 -2.12 -8.44
CA SER A 115 13.94 -2.28 -8.70
C SER A 115 13.23 -0.94 -8.85
N PHE A 116 13.69 0.09 -8.13
CA PHE A 116 13.10 1.42 -8.33
C PHE A 116 13.52 1.99 -9.68
N THR A 117 14.80 1.91 -10.02
CA THR A 117 15.25 2.40 -11.32
C THR A 117 14.44 1.75 -12.44
N GLU A 118 14.21 0.45 -12.34
CA GLU A 118 13.55 -0.32 -13.38
C GLU A 118 12.06 0.00 -13.50
N ASP A 119 11.46 0.61 -12.50
CA ASP A 119 10.04 0.97 -12.57
C ASP A 119 9.94 2.44 -12.93
N SER A 120 9.82 2.71 -14.23
CA SER A 120 9.77 4.09 -14.70
C SER A 120 8.49 4.81 -14.30
N THR A 121 7.45 4.09 -13.86
CA THR A 121 6.17 4.69 -13.56
C THR A 121 6.05 5.20 -12.13
N ILE A 122 6.97 4.83 -11.23
CA ILE A 122 6.90 5.19 -9.82
C ILE A 122 7.96 6.25 -9.57
N ASP A 123 7.51 7.47 -9.24
CA ASP A 123 8.42 8.58 -9.01
C ASP A 123 8.84 8.70 -7.55
N GLY A 124 8.33 7.83 -6.70
CA GLY A 124 8.65 7.84 -5.29
C GLY A 124 7.49 7.24 -4.53
N LEU A 125 7.59 7.31 -3.19
CA LEU A 125 6.62 6.72 -2.30
C LEU A 125 6.09 7.78 -1.36
N LEU A 126 4.83 7.64 -0.96
CA LEU A 126 4.23 8.48 0.07
C LEU A 126 3.75 7.56 1.19
N GLY A 127 4.50 7.53 2.28
CA GLY A 127 4.19 6.62 3.37
C GLY A 127 3.02 7.12 4.19
N LEU A 128 2.16 6.16 4.57
CA LEU A 128 0.94 6.43 5.33
C LEU A 128 0.80 5.53 6.55
N ALA A 129 1.85 4.81 6.93
CA ALA A 129 1.90 4.15 8.22
C ALA A 129 2.13 5.20 9.30
N PHE A 130 2.38 4.76 10.54
CA PHE A 130 2.54 5.72 11.63
C PHE A 130 3.93 6.34 11.60
N SER A 131 3.99 7.60 12.02
CA SER A 131 5.22 8.37 11.87
C SER A 131 6.38 7.81 12.68
N THR A 132 6.10 6.95 13.66
CA THR A 132 7.15 6.28 14.40
C THR A 132 8.05 5.42 13.53
N LEU A 133 7.63 5.07 12.31
CA LEU A 133 8.46 4.31 11.40
C LEU A 133 9.30 5.20 10.48
N ASN A 134 9.12 6.51 10.52
CA ASN A 134 9.83 7.38 9.59
C ASN A 134 11.33 7.29 9.84
N THR A 135 12.12 7.21 8.76
CA THR A 135 13.55 6.94 8.90
C THR A 135 14.42 8.19 8.94
N VAL A 136 13.87 9.40 8.89
CA VAL A 136 14.71 10.59 8.89
C VAL A 136 15.47 10.70 10.20
N SER A 137 16.77 10.99 10.11
CA SER A 137 17.65 11.16 11.25
C SER A 137 18.42 12.46 11.07
N PRO A 138 18.70 13.19 12.15
CA PRO A 138 18.46 12.84 13.56
C PRO A 138 17.10 13.28 14.09
N THR A 139 16.29 13.95 13.28
CA THR A 139 14.99 14.45 13.69
C THR A 139 13.94 13.72 12.87
N GLN A 140 13.25 12.77 13.49
CA GLN A 140 12.25 11.98 12.79
C GLN A 140 11.13 12.90 12.31
N GLN A 141 10.60 12.59 11.12
CA GLN A 141 9.61 13.44 10.47
C GLN A 141 8.24 12.77 10.42
N LYS A 142 7.21 13.60 10.28
CA LYS A 142 5.84 13.13 10.23
C LYS A 142 5.40 12.84 8.80
N THR A 143 4.49 11.87 8.67
CA THR A 143 3.90 11.58 7.37
C THR A 143 2.98 12.72 6.93
N PHE A 144 2.66 12.69 5.64
CA PHE A 144 1.70 13.64 5.09
C PHE A 144 0.37 13.59 5.85
N PHE A 145 -0.12 12.38 6.15
CA PHE A 145 -1.37 12.24 6.88
C PHE A 145 -1.25 12.80 8.29
N ASP A 146 -0.17 12.48 8.99
CA ASP A 146 0.03 13.01 10.34
C ASP A 146 0.04 14.53 10.34
N ASN A 147 0.73 15.13 9.37
CA ASN A 147 0.79 16.58 9.28
C ASN A 147 -0.57 17.18 8.95
N ALA A 148 -1.36 16.53 8.10
CA ALA A 148 -2.64 17.07 7.70
C ALA A 148 -3.74 16.84 8.73
N LYS A 149 -3.53 15.91 9.65
CA LYS A 149 -4.61 15.33 10.43
C LYS A 149 -5.42 16.38 11.18
N ALA A 150 -4.73 17.32 11.84
CA ALA A 150 -5.42 18.30 12.65
C ALA A 150 -6.30 19.22 11.81
N SER A 151 -5.97 19.40 10.53
N SER A 151 -5.97 19.41 10.54
CA SER A 151 -6.73 20.27 9.65
CA SER A 151 -6.73 20.28 9.66
C SER A 151 -7.90 19.56 8.98
C SER A 151 -7.89 19.57 8.96
N LEU A 152 -7.90 18.23 8.97
CA LEU A 152 -8.91 17.48 8.25
C LEU A 152 -10.27 17.59 8.95
N ASP A 153 -11.33 17.45 8.16
CA ASP A 153 -12.68 17.43 8.73
C ASP A 153 -12.83 16.27 9.71
N SER A 154 -12.26 15.11 9.38
N SER A 154 -12.29 15.11 9.36
CA SER A 154 -12.24 13.93 10.21
CA SER A 154 -12.20 13.94 10.22
C SER A 154 -10.84 13.34 10.05
C SER A 154 -10.81 13.36 10.06
N PRO A 155 -10.24 12.81 11.12
CA PRO A 155 -8.83 12.36 11.07
C PRO A 155 -8.67 10.98 10.43
N VAL A 156 -9.04 10.90 9.15
CA VAL A 156 -9.13 9.62 8.44
C VAL A 156 -8.62 9.79 7.03
N PHE A 157 -8.20 8.68 6.43
CA PHE A 157 -8.09 8.61 5.00
C PHE A 157 -8.67 7.26 4.57
N THR A 158 -9.06 7.17 3.30
CA THR A 158 -9.68 5.95 2.81
C THR A 158 -8.97 5.50 1.54
N ALA A 159 -8.87 4.19 1.36
CA ALA A 159 -8.31 3.57 0.18
C ALA A 159 -9.41 2.80 -0.52
N ASP A 160 -9.63 3.11 -1.79
CA ASP A 160 -10.65 2.46 -2.61
C ASP A 160 -9.94 2.05 -3.89
N LEU A 161 -9.19 0.96 -3.82
CA LEU A 161 -8.36 0.54 -4.94
C LEU A 161 -9.19 -0.23 -5.96
N GLY A 162 -8.89 -0.03 -7.24
CA GLY A 162 -9.61 -0.73 -8.28
C GLY A 162 -8.92 -2.01 -8.71
N TYR A 163 -9.71 -2.91 -9.27
CA TYR A 163 -9.20 -4.14 -9.89
C TYR A 163 -9.02 -3.84 -11.37
N HIS A 164 -7.77 -3.78 -11.81
CA HIS A 164 -7.45 -3.45 -13.20
C HIS A 164 -8.15 -2.17 -13.62
N ALA A 165 -8.22 -1.21 -12.71
CA ALA A 165 -8.98 0.01 -12.92
C ALA A 165 -8.54 1.03 -11.90
N PRO A 166 -8.74 2.32 -12.17
CA PRO A 166 -8.39 3.34 -11.19
C PRO A 166 -9.29 3.28 -9.97
N GLY A 167 -8.81 3.91 -8.90
CA GLY A 167 -9.52 4.00 -7.65
C GLY A 167 -9.26 5.34 -7.02
N THR A 168 -9.47 5.45 -5.71
CA THR A 168 -9.47 6.75 -5.05
C THR A 168 -8.84 6.66 -3.67
N TYR A 169 -8.01 7.65 -3.34
CA TYR A 169 -7.61 7.94 -1.97
C TYR A 169 -8.29 9.23 -1.56
N ASN A 170 -9.06 9.19 -0.47
CA ASN A 170 -9.68 10.38 0.11
C ASN A 170 -9.07 10.65 1.46
N PHE A 171 -8.93 11.94 1.77
CA PHE A 171 -8.41 12.38 3.06
C PHE A 171 -9.47 13.25 3.72
N GLY A 172 -9.81 12.93 4.96
CA GLY A 172 -10.63 13.80 5.77
C GLY A 172 -12.12 13.54 5.74
N PHE A 173 -12.58 12.58 4.94
CA PHE A 173 -14.02 12.29 4.87
C PHE A 173 -14.20 10.87 4.36
N ILE A 174 -15.38 10.34 4.65
CA ILE A 174 -15.79 9.02 4.20
C ILE A 174 -16.88 9.20 3.15
N ASP A 175 -16.60 8.75 1.92
CA ASP A 175 -17.54 8.84 0.81
C ASP A 175 -18.55 7.71 0.96
N THR A 176 -19.74 8.04 1.47
CA THR A 176 -20.75 7.02 1.72
C THR A 176 -21.36 6.46 0.44
N THR A 177 -21.05 7.02 -0.73
CA THR A 177 -21.50 6.44 -1.99
C THR A 177 -20.52 5.40 -2.54
N ALA A 178 -19.37 5.21 -1.89
CA ALA A 178 -18.30 4.40 -2.45
C ALA A 178 -18.34 2.94 -2.03
N TYR A 179 -19.28 2.56 -1.16
CA TYR A 179 -19.32 1.20 -0.67
C TYR A 179 -20.77 0.76 -0.49
N THR A 180 -20.95 -0.54 -0.38
CA THR A 180 -22.26 -1.11 -0.10
C THR A 180 -22.30 -1.57 1.35
N GLY A 181 -23.51 -1.67 1.89
CA GLY A 181 -23.68 -2.11 3.27
C GLY A 181 -23.02 -1.15 4.24
N SER A 182 -22.53 -1.71 5.34
N SER A 182 -22.54 -1.72 5.33
CA SER A 182 -21.93 -0.94 6.42
CA SER A 182 -21.92 -0.95 6.40
C SER A 182 -20.43 -1.21 6.51
C SER A 182 -20.41 -1.16 6.41
N ILE A 183 -19.71 -0.23 7.05
CA ILE A 183 -18.28 -0.36 7.30
C ILE A 183 -18.11 -1.01 8.66
N THR A 184 -17.37 -2.12 8.71
CA THR A 184 -17.06 -2.75 9.98
C THR A 184 -15.70 -2.30 10.46
N TYR A 185 -15.65 -1.70 11.64
CA TYR A 185 -14.41 -1.21 12.20
C TYR A 185 -13.81 -2.24 13.15
N THR A 186 -12.47 -2.28 13.16
CA THR A 186 -11.73 -3.24 13.95
C THR A 186 -10.50 -2.56 14.54
N ALA A 187 -10.10 -3.04 15.72
CA ALA A 187 -9.06 -2.37 16.49
C ALA A 187 -7.70 -2.46 15.79
N VAL A 188 -6.90 -1.42 15.96
CA VAL A 188 -5.56 -1.33 15.41
C VAL A 188 -4.54 -1.29 16.54
N SER A 189 -3.46 -2.04 16.38
CA SER A 189 -2.28 -1.89 17.23
C SER A 189 -1.24 -1.09 16.48
N THR A 190 -0.72 -0.03 17.11
CA THR A 190 0.34 0.77 16.52
C THR A 190 1.71 0.38 17.05
N LYS A 191 1.79 -0.74 17.78
CA LYS A 191 3.02 -1.08 18.50
C LYS A 191 4.20 -1.32 17.57
N GLN A 192 3.94 -1.75 16.33
CA GLN A 192 5.00 -1.94 15.35
C GLN A 192 5.02 -0.84 14.30
N GLY A 193 4.19 0.20 14.47
CA GLY A 193 4.14 1.31 13.55
C GLY A 193 3.26 1.10 12.35
N PHE A 194 2.60 -0.04 12.25
CA PHE A 194 1.76 -0.38 11.10
C PHE A 194 0.29 -0.24 11.45
N TRP A 195 -0.55 -0.28 10.41
CA TRP A 195 -1.99 -0.45 10.57
C TRP A 195 -2.25 -1.94 10.78
N GLU A 196 -1.98 -2.38 12.01
CA GLU A 196 -1.98 -3.79 12.35
C GLU A 196 -3.28 -4.15 13.03
N TRP A 197 -3.92 -5.23 12.58
CA TRP A 197 -5.25 -5.60 13.03
C TRP A 197 -5.32 -7.13 13.04
N THR A 198 -6.45 -7.66 13.49
CA THR A 198 -6.62 -9.11 13.57
C THR A 198 -7.87 -9.52 12.80
N SER A 199 -7.66 -10.22 11.70
CA SER A 199 -8.78 -10.80 10.97
C SER A 199 -9.35 -11.96 11.77
N THR A 200 -10.65 -12.19 11.60
CA THR A 200 -11.36 -13.21 12.36
C THR A 200 -11.44 -14.55 11.66
N GLY A 201 -10.92 -14.67 10.46
CA GLY A 201 -10.82 -15.98 9.84
C GLY A 201 -10.94 -15.89 8.33
N TYR A 202 -11.24 -17.04 7.71
CA TYR A 202 -11.24 -17.05 6.26
C TYR A 202 -12.12 -18.17 5.74
N ALA A 203 -12.46 -18.07 4.46
CA ALA A 203 -13.11 -19.16 3.73
C ALA A 203 -12.51 -19.23 2.33
N VAL A 204 -12.50 -20.43 1.76
CA VAL A 204 -12.03 -20.63 0.39
C VAL A 204 -13.25 -20.94 -0.48
N GLY A 205 -13.43 -20.15 -1.54
CA GLY A 205 -14.56 -20.37 -2.43
C GLY A 205 -15.88 -20.40 -1.67
N SER A 206 -16.70 -21.41 -1.95
N SER A 206 -16.70 -21.41 -1.96
CA SER A 206 -17.98 -21.57 -1.31
CA SER A 206 -17.98 -21.57 -1.31
C SER A 206 -17.90 -22.35 0.01
C SER A 206 -17.89 -22.36 -0.01
N GLY A 207 -16.69 -22.60 0.50
CA GLY A 207 -16.52 -23.38 1.70
C GLY A 207 -16.98 -22.64 2.95
N THR A 208 -17.08 -23.41 4.03
CA THR A 208 -17.49 -22.82 5.30
C THR A 208 -16.36 -21.97 5.86
N PHE A 209 -16.74 -21.02 6.70
CA PHE A 209 -15.80 -20.08 7.27
C PHE A 209 -15.04 -20.72 8.42
N LYS A 210 -13.72 -20.56 8.43
CA LYS A 210 -12.86 -21.02 9.50
C LYS A 210 -12.59 -19.84 10.43
N SER A 211 -13.11 -19.92 11.65
N SER A 211 -13.08 -19.94 11.66
CA SER A 211 -12.87 -18.88 12.64
CA SER A 211 -12.88 -18.90 12.67
C SER A 211 -11.48 -19.07 13.22
C SER A 211 -11.49 -19.06 13.27
N THR A 212 -10.61 -18.09 13.01
CA THR A 212 -9.24 -18.15 13.50
C THR A 212 -8.66 -16.75 13.42
N SER A 213 -7.90 -16.37 14.44
CA SER A 213 -7.35 -15.02 14.50
C SER A 213 -6.12 -14.94 13.61
N ILE A 214 -6.08 -13.95 12.72
CA ILE A 214 -4.95 -13.74 11.84
C ILE A 214 -4.49 -12.30 12.00
N ASP A 215 -3.37 -12.09 12.68
N ASP A 215 -3.44 -12.08 12.79
CA ASP A 215 -2.80 -10.77 12.91
CA ASP A 215 -2.84 -10.77 12.89
C ASP A 215 -2.01 -10.33 11.69
C ASP A 215 -2.20 -10.41 11.54
N GLY A 216 -2.32 -9.15 11.16
CA GLY A 216 -1.65 -8.72 9.94
C GLY A 216 -1.74 -7.22 9.78
N ILE A 217 -1.14 -6.72 8.70
CA ILE A 217 -1.14 -5.28 8.45
C ILE A 217 -1.90 -4.96 7.17
N ALA A 218 -2.58 -3.82 7.16
CA ALA A 218 -3.22 -3.32 5.95
C ALA A 218 -2.18 -2.49 5.22
N ASP A 219 -1.72 -2.97 4.06
CA ASP A 219 -0.56 -2.38 3.40
C ASP A 219 -0.86 -2.15 1.91
N THR A 220 -1.21 -0.90 1.57
CA THR A 220 -1.46 -0.58 0.17
C THR A 220 -0.20 -0.67 -0.70
N GLY A 221 0.98 -0.66 -0.11
CA GLY A 221 2.21 -0.75 -0.86
C GLY A 221 2.68 -2.14 -1.16
N THR A 222 1.96 -3.17 -0.71
CA THR A 222 2.28 -4.55 -1.02
C THR A 222 1.27 -5.05 -2.03
N THR A 223 1.75 -5.70 -3.09
CA THR A 223 0.88 -6.13 -4.19
C THR A 223 -0.07 -7.23 -3.76
N LEU A 224 0.45 -8.25 -3.06
CA LEU A 224 -0.24 -9.52 -2.86
C LEU A 224 -0.76 -9.64 -1.43
N LEU A 225 -1.45 -10.76 -1.19
CA LEU A 225 -1.98 -11.11 0.11
C LEU A 225 -1.10 -12.20 0.70
N TYR A 226 -0.42 -11.91 1.81
CA TYR A 226 0.51 -12.84 2.44
C TYR A 226 -0.10 -13.31 3.75
N LEU A 227 -0.35 -14.61 3.86
CA LEU A 227 -1.05 -15.20 4.99
C LEU A 227 -0.29 -16.43 5.48
N PRO A 228 -0.65 -16.97 6.65
CA PRO A 228 0.09 -18.12 7.16
C PRO A 228 0.05 -19.31 6.20
N ALA A 229 1.12 -20.11 6.24
CA ALA A 229 1.27 -21.21 5.30
C ALA A 229 0.10 -22.17 5.34
N THR A 230 -0.51 -22.36 6.53
CA THR A 230 -1.66 -23.24 6.65
C THR A 230 -2.82 -22.75 5.80
N VAL A 231 -3.12 -21.44 5.91
CA VAL A 231 -4.22 -20.83 5.18
C VAL A 231 -3.95 -20.88 3.69
N VAL A 232 -2.72 -20.53 3.29
CA VAL A 232 -2.38 -20.46 1.87
C VAL A 232 -2.42 -21.85 1.25
N SER A 233 -1.96 -22.88 1.97
CA SER A 233 -2.04 -24.24 1.46
C SER A 233 -3.49 -24.68 1.29
N ALA A 234 -4.36 -24.34 2.24
CA ALA A 234 -5.77 -24.69 2.12
C ALA A 234 -6.40 -24.04 0.90
N TYR A 235 -5.99 -22.83 0.56
CA TYR A 235 -6.49 -22.18 -0.63
C TYR A 235 -6.02 -22.90 -1.89
N TRP A 236 -4.70 -23.04 -2.06
CA TRP A 236 -4.17 -23.58 -3.31
C TRP A 236 -4.49 -25.05 -3.52
N ALA A 237 -4.79 -25.77 -2.45
CA ALA A 237 -5.22 -27.16 -2.57
C ALA A 237 -6.51 -27.29 -3.37
N GLN A 238 -7.27 -26.21 -3.51
CA GLN A 238 -8.50 -26.25 -4.26
C GLN A 238 -8.29 -26.00 -5.75
N VAL A 239 -7.06 -25.76 -6.18
CA VAL A 239 -6.75 -25.43 -7.57
C VAL A 239 -5.91 -26.57 -8.14
N SER A 240 -6.48 -27.31 -9.10
N SER A 240 -6.47 -27.30 -9.10
CA SER A 240 -5.77 -28.43 -9.69
CA SER A 240 -5.77 -28.46 -9.63
C SER A 240 -4.44 -27.98 -10.26
C SER A 240 -4.46 -28.04 -10.30
N GLY A 241 -3.36 -28.67 -9.88
CA GLY A 241 -2.05 -28.38 -10.41
C GLY A 241 -1.32 -27.24 -9.75
N ALA A 242 -1.94 -26.57 -8.78
CA ALA A 242 -1.23 -25.49 -8.09
C ALA A 242 -0.18 -26.08 -7.17
N LYS A 243 0.94 -25.37 -7.05
CA LYS A 243 2.05 -25.86 -6.24
C LYS A 243 2.93 -24.68 -5.88
N SER A 244 3.67 -24.84 -4.78
CA SER A 244 4.68 -23.88 -4.40
C SER A 244 5.97 -24.21 -5.12
N SER A 245 6.54 -23.22 -5.80
CA SER A 245 7.76 -23.37 -6.57
C SER A 245 8.87 -22.55 -5.93
N SER A 246 9.91 -23.22 -5.45
CA SER A 246 11.04 -22.49 -4.90
C SER A 246 11.78 -21.70 -5.98
N SER A 247 11.81 -22.21 -7.21
CA SER A 247 12.49 -21.48 -8.29
C SER A 247 11.75 -20.20 -8.65
N VAL A 248 10.41 -20.23 -8.63
CA VAL A 248 9.67 -19.03 -8.94
C VAL A 248 9.57 -18.12 -7.72
N GLY A 249 9.52 -18.70 -6.52
CA GLY A 249 9.40 -17.93 -5.31
C GLY A 249 8.00 -17.86 -4.73
N GLY A 250 7.15 -18.83 -5.02
CA GLY A 250 5.82 -18.86 -4.43
C GLY A 250 4.92 -19.81 -5.17
N TYR A 251 3.64 -19.74 -4.81
CA TYR A 251 2.63 -20.58 -5.43
C TYR A 251 2.37 -20.14 -6.86
N VAL A 252 2.35 -21.13 -7.75
CA VAL A 252 1.98 -20.96 -9.15
C VAL A 252 0.85 -21.92 -9.43
N PHE A 253 0.11 -21.64 -10.49
CA PHE A 253 -1.03 -22.46 -10.83
C PHE A 253 -1.18 -22.48 -12.34
N PRO A 254 -1.85 -23.49 -12.89
CA PRO A 254 -2.01 -23.53 -14.35
C PRO A 254 -2.84 -22.36 -14.83
N CYS A 255 -2.36 -21.69 -15.89
CA CYS A 255 -3.12 -20.56 -16.38
C CYS A 255 -4.49 -20.96 -16.92
N SER A 256 -4.72 -22.26 -17.15
CA SER A 256 -6.01 -22.76 -17.58
C SER A 256 -7.05 -22.80 -16.45
N ALA A 257 -6.65 -22.54 -15.21
CA ALA A 257 -7.54 -22.69 -14.07
C ALA A 257 -8.44 -21.46 -13.89
N THR A 258 -9.62 -21.70 -13.35
CA THR A 258 -10.48 -20.66 -12.80
C THR A 258 -10.32 -20.71 -11.29
N LEU A 259 -9.98 -19.57 -10.67
CA LEU A 259 -9.62 -19.59 -9.26
C LEU A 259 -10.84 -19.40 -8.37
N PRO A 260 -10.86 -20.05 -7.22
CA PRO A 260 -11.92 -19.78 -6.24
C PRO A 260 -11.69 -18.43 -5.57
N SER A 261 -12.79 -17.88 -5.05
CA SER A 261 -12.69 -16.68 -4.25
C SER A 261 -12.00 -16.98 -2.92
N PHE A 262 -11.64 -15.91 -2.21
CA PHE A 262 -11.10 -16.03 -0.87
C PHE A 262 -11.79 -14.99 0.00
N THR A 263 -12.34 -15.43 1.12
CA THR A 263 -13.04 -14.55 2.05
C THR A 263 -12.20 -14.36 3.29
N PHE A 264 -12.09 -13.12 3.77
CA PHE A 264 -11.48 -12.87 5.07
C PHE A 264 -12.46 -12.17 6.00
N GLY A 265 -12.33 -12.48 7.29
CA GLY A 265 -13.21 -11.91 8.29
C GLY A 265 -12.71 -10.59 8.84
N VAL A 266 -13.66 -9.67 9.03
CA VAL A 266 -13.43 -8.40 9.73
C VAL A 266 -14.50 -8.36 10.80
N GLY A 267 -14.11 -8.63 12.05
CA GLY A 267 -15.14 -8.84 13.07
C GLY A 267 -16.12 -9.90 12.60
N SER A 268 -17.40 -9.60 12.70
N SER A 268 -17.41 -9.59 12.70
CA SER A 268 -18.44 -10.52 12.23
CA SER A 268 -18.44 -10.50 12.24
C SER A 268 -18.77 -10.33 10.76
C SER A 268 -18.71 -10.37 10.74
N ALA A 269 -18.09 -9.42 10.07
CA ALA A 269 -18.32 -9.17 8.65
C ALA A 269 -17.32 -9.96 7.81
N ARG A 270 -17.55 -9.95 6.50
CA ARG A 270 -16.77 -10.74 5.57
C ARG A 270 -16.46 -9.90 4.34
N ILE A 271 -15.23 -9.95 3.88
CA ILE A 271 -14.82 -9.37 2.60
C ILE A 271 -14.47 -10.53 1.66
N VAL A 272 -15.09 -10.54 0.48
CA VAL A 272 -14.88 -11.61 -0.48
C VAL A 272 -13.99 -11.09 -1.61
N ILE A 273 -12.82 -11.73 -1.78
CA ILE A 273 -11.92 -11.43 -2.87
C ILE A 273 -12.28 -12.34 -4.03
N PRO A 274 -12.74 -11.82 -5.17
CA PRO A 274 -13.05 -12.70 -6.30
C PRO A 274 -11.82 -13.45 -6.77
N GLY A 275 -12.05 -14.67 -7.27
CA GLY A 275 -10.94 -15.47 -7.77
C GLY A 275 -10.08 -14.74 -8.79
N ASP A 276 -10.69 -13.94 -9.66
CA ASP A 276 -9.91 -13.26 -10.68
C ASP A 276 -8.88 -12.32 -10.08
N TYR A 277 -9.15 -11.77 -8.89
CA TYR A 277 -8.20 -10.86 -8.26
C TYR A 277 -6.92 -11.58 -7.82
N ILE A 278 -6.97 -12.92 -7.72
CA ILE A 278 -5.85 -13.72 -7.26
C ILE A 278 -4.96 -14.17 -8.41
N ASP A 279 -5.34 -13.86 -9.65
CA ASP A 279 -4.59 -14.25 -10.83
C ASP A 279 -3.63 -13.13 -11.21
N PHE A 280 -2.32 -13.40 -11.10
CA PHE A 280 -1.30 -12.45 -11.50
C PHE A 280 -0.61 -12.82 -12.81
N GLY A 281 -1.21 -13.73 -13.58
CA GLY A 281 -0.80 -13.95 -14.93
C GLY A 281 0.45 -14.78 -15.05
N PRO A 282 0.89 -14.96 -16.30
CA PRO A 282 2.03 -15.83 -16.57
C PRO A 282 3.28 -15.38 -15.83
N ILE A 283 4.06 -16.36 -15.34
CA ILE A 283 5.27 -16.04 -14.59
C ILE A 283 6.29 -15.34 -15.47
N SER A 284 6.25 -15.60 -16.77
CA SER A 284 7.05 -14.94 -17.79
C SER A 284 6.19 -14.95 -19.04
N THR A 285 6.51 -14.05 -19.98
CA THR A 285 5.69 -13.92 -21.17
C THR A 285 5.55 -15.25 -21.90
N GLY A 286 4.30 -15.60 -22.21
CA GLY A 286 4.02 -16.83 -22.91
C GLY A 286 3.94 -18.07 -22.05
N SER A 287 4.24 -17.98 -20.76
CA SER A 287 4.20 -19.16 -19.92
C SER A 287 2.75 -19.56 -19.64
N SER A 288 2.54 -20.87 -19.49
CA SER A 288 1.25 -21.36 -19.04
C SER A 288 1.20 -21.55 -17.53
N SER A 289 2.26 -21.20 -16.81
CA SER A 289 2.23 -21.18 -15.36
C SER A 289 1.97 -19.75 -14.90
N CYS A 290 0.98 -19.59 -14.04
CA CYS A 290 0.54 -18.28 -13.59
C CYS A 290 0.90 -18.07 -12.12
N PHE A 291 1.16 -16.83 -11.75
CA PHE A 291 1.59 -16.54 -10.39
C PHE A 291 0.39 -16.23 -9.50
N GLY A 292 0.35 -16.85 -8.32
CA GLY A 292 -0.78 -16.66 -7.43
C GLY A 292 -0.73 -15.36 -6.65
N GLY A 293 -1.91 -14.80 -6.38
CA GLY A 293 -2.02 -13.57 -5.62
C GLY A 293 -2.11 -13.74 -4.12
N ILE A 294 -2.21 -14.99 -3.66
CA ILE A 294 -2.17 -15.33 -2.25
C ILE A 294 -0.90 -16.15 -2.04
N GLN A 295 -0.06 -15.70 -1.12
CA GLN A 295 1.25 -16.31 -0.92
C GLN A 295 1.50 -16.45 0.57
N SER A 296 2.43 -17.33 0.92
CA SER A 296 2.76 -17.56 2.32
C SER A 296 3.54 -16.38 2.90
N SER A 297 3.18 -16.02 4.13
CA SER A 297 3.95 -15.04 4.89
C SER A 297 5.11 -15.66 5.65
N ALA A 298 5.31 -16.97 5.55
CA ALA A 298 6.37 -17.62 6.30
C ALA A 298 7.72 -17.05 5.89
N GLY A 299 8.53 -16.64 6.85
CA GLY A 299 9.78 -16.00 6.53
C GLY A 299 9.69 -14.52 6.21
N ILE A 300 8.49 -13.95 6.11
CA ILE A 300 8.34 -12.51 6.12
C ILE A 300 8.29 -12.02 7.56
N GLY A 301 7.67 -12.79 8.45
CA GLY A 301 7.54 -12.44 9.84
C GLY A 301 6.26 -11.71 10.18
N ILE A 302 5.40 -11.45 9.19
CA ILE A 302 4.17 -10.70 9.42
C ILE A 302 3.22 -11.04 8.27
N ASN A 303 1.93 -11.15 8.58
CA ASN A 303 0.92 -11.30 7.54
C ASN A 303 0.61 -9.93 6.96
N ILE A 304 0.41 -9.89 5.64
CA ILE A 304 0.22 -8.62 4.95
C ILE A 304 -1.05 -8.68 4.10
N PHE A 305 -2.04 -7.87 4.46
CA PHE A 305 -3.22 -7.66 3.64
C PHE A 305 -2.85 -6.58 2.65
N GLY A 306 -2.24 -7.00 1.54
CA GLY A 306 -1.83 -6.09 0.48
C GLY A 306 -2.97 -5.84 -0.49
N ASP A 307 -2.60 -5.36 -1.67
CA ASP A 307 -3.60 -4.85 -2.61
C ASP A 307 -4.63 -5.91 -3.00
N VAL A 308 -4.21 -7.17 -3.16
CA VAL A 308 -5.15 -8.23 -3.51
C VAL A 308 -6.34 -8.23 -2.58
N ALA A 309 -6.10 -8.07 -1.28
CA ALA A 309 -7.19 -8.01 -0.31
C ALA A 309 -7.85 -6.64 -0.28
N LEU A 310 -7.03 -5.58 -0.22
CA LEU A 310 -7.59 -4.25 -0.01
C LEU A 310 -8.45 -3.81 -1.18
N LYS A 311 -8.11 -4.19 -2.41
CA LYS A 311 -8.89 -3.75 -3.55
C LYS A 311 -10.27 -4.39 -3.61
N ALA A 312 -10.51 -5.43 -2.82
CA ALA A 312 -11.85 -5.98 -2.71
C ALA A 312 -12.74 -5.20 -1.74
N ALA A 313 -12.20 -4.17 -1.11
CA ALA A 313 -12.94 -3.47 -0.07
C ALA A 313 -12.79 -1.97 -0.20
N PHE A 314 -13.69 -1.26 0.47
CA PHE A 314 -13.49 0.14 0.79
C PHE A 314 -12.89 0.17 2.19
N VAL A 315 -11.71 0.78 2.34
CA VAL A 315 -10.94 0.65 3.58
C VAL A 315 -10.75 2.03 4.20
N VAL A 316 -11.12 2.14 5.48
CA VAL A 316 -10.98 3.38 6.24
C VAL A 316 -9.79 3.23 7.19
N PHE A 317 -8.84 4.13 7.06
CA PHE A 317 -7.70 4.24 7.97
C PHE A 317 -8.04 5.38 8.93
N ASN A 318 -8.54 5.01 10.11
CA ASN A 318 -9.00 6.00 11.07
C ASN A 318 -7.86 6.35 12.01
N GLY A 319 -7.34 7.56 11.89
CA GLY A 319 -6.21 8.01 12.68
C GLY A 319 -6.61 8.84 13.88
N ALA A 320 -7.80 8.59 14.42
CA ALA A 320 -8.20 9.20 15.67
C ALA A 320 -7.27 8.76 16.79
N THR A 321 -7.48 9.35 17.98
CA THR A 321 -6.63 9.08 19.13
C THR A 321 -6.51 7.58 19.38
N THR A 322 -7.62 6.85 19.25
CA THR A 322 -7.59 5.39 19.23
C THR A 322 -7.78 4.97 17.78
N PRO A 323 -6.72 4.58 17.08
CA PRO A 323 -6.86 4.28 15.65
C PRO A 323 -7.64 3.00 15.42
N THR A 324 -8.37 2.96 14.31
CA THR A 324 -9.07 1.76 13.90
C THR A 324 -9.00 1.63 12.39
N LEU A 325 -9.33 0.44 11.91
N LEU A 325 -9.46 0.49 11.91
CA LEU A 325 -9.49 0.19 10.48
CA LEU A 325 -9.47 0.17 10.48
C LEU A 325 -10.95 -0.17 10.22
C LEU A 325 -10.87 -0.31 10.12
N GLY A 326 -11.48 0.31 9.12
CA GLY A 326 -12.82 -0.04 8.69
C GLY A 326 -12.78 -0.70 7.32
N PHE A 327 -13.59 -1.75 7.15
CA PHE A 327 -13.73 -2.43 5.87
C PHE A 327 -15.19 -2.52 5.50
N ALA A 328 -15.50 -2.16 4.26
CA ALA A 328 -16.82 -2.40 3.69
C ALA A 328 -16.67 -3.07 2.34
N SER A 329 -17.67 -3.87 1.98
N SER A 329 -17.67 -3.88 1.99
CA SER A 329 -17.76 -4.39 0.63
CA SER A 329 -17.75 -4.38 0.63
C SER A 329 -18.11 -3.26 -0.34
C SER A 329 -18.06 -3.24 -0.33
N LYS A 330 -17.89 -3.50 -1.61
CA LYS A 330 -18.16 -2.47 -2.62
C LYS A 330 -18.47 -3.08 -3.97
C10 IJY B . 5.29 -2.41 1.17
N12 IJY B . 6.66 -2.09 -0.97
C02 IJY B . 7.73 -7.17 5.40
C03 IJY B . 7.13 -5.78 5.22
C05 IJY B . 6.71 -3.83 4.20
C06 IJY B . 6.88 -2.84 2.94
C08 IJY B . 6.03 -1.52 3.16
C11 IJY B . 5.87 -1.68 0.00
C13 IJY B . 6.88 -1.08 -1.78
C14 IJY B . 7.66 -1.11 -2.96
C15 IJY B . 7.22 -0.40 -4.07
C16 IJY B . 7.98 -0.43 -5.24
C17 IJY B . 9.16 -1.19 -5.27
C18 IJY B . 10.01 -1.26 -6.52
C22 IJY B . 9.58 -1.90 -4.16
C23 IJY B . 8.84 -1.88 -3.00
C26 IJY B . 6.47 -3.39 1.79
C27 IJY B . 5.98 -3.52 5.35
F19 IJY B . 9.63 -0.36 -7.40
F20 IJY B . 9.90 -2.53 -7.06
F21 IJY B . 11.33 -1.06 -6.16
N04 IJY B . 7.29 -5.02 4.18
N09 IJY B . 4.83 -1.67 2.18
N24 IJY B . 6.22 -0.03 -1.36
O01 IJY B . 9.06 -6.95 5.89
O07 IJY B . 8.27 -2.48 2.84
O25 IJY B . 5.58 -0.42 -0.23
S28 IJY B . 6.15 -4.90 6.37
S DMS C . 5.65 -5.50 -3.86
O DMS C . 4.60 -6.06 -2.96
C1 DMS C . 7.13 -5.15 -2.87
C2 DMS C . 5.20 -3.80 -4.31
S DMS D . -1.99 -14.68 15.19
O DMS D . -1.95 -14.18 13.78
C1 DMS D . -2.31 -16.47 15.19
C2 DMS D . -3.46 -14.08 16.06
C ACT E . -18.57 -2.18 13.87
O ACT E . -18.06 -1.27 13.16
OXT ACT E . -19.73 -2.74 13.73
CH3 ACT E . -17.71 -2.70 15.06
C ACT F . 1.55 22.74 -4.41
O ACT F . 0.33 22.53 -4.10
OXT ACT F . 2.60 21.99 -4.20
CH3 ACT F . 1.82 24.11 -5.12
C1 PEG G . 4.08 -11.43 -18.22
O1 PEG G . 5.07 -12.14 -17.50
C2 PEG G . 3.33 -12.36 -19.14
O2 PEG G . 2.39 -11.63 -19.91
C3 PEG G . 1.49 -12.48 -20.62
C4 PEG G . 2.25 -13.24 -21.65
O4 PEG G . 1.67 -14.51 -21.91
C ACT H . -4.14 -15.76 -16.86
O ACT H . -3.80 -14.70 -16.26
OXT ACT H . -4.93 -16.67 -16.49
CH3 ACT H . -3.49 -15.98 -18.25
C ACT I . -24.45 -4.34 6.33
O ACT I . -23.38 -4.35 5.66
OXT ACT I . -25.00 -3.38 6.94
CH3 ACT I . -25.21 -5.70 6.42
C1 MPD J . -13.92 -26.34 1.76
C2 MPD J . -12.92 -25.19 1.87
O2 MPD J . -13.49 -24.02 1.23
CM MPD J . -11.65 -25.55 1.13
C3 MPD J . -12.67 -24.87 3.34
C4 MPD J . -12.39 -23.39 3.59
O4 MPD J . -13.55 -22.63 3.32
C5 MPD J . -11.96 -23.12 5.02
C1 PGE K . 6.41 -9.45 -5.98
O1 PGE K . 7.00 -10.75 -6.07
C2 PGE K . 4.91 -9.62 -5.86
O2 PGE K . 4.29 -9.19 -7.07
C3 PGE K . 4.47 -10.08 -8.14
C4 PGE K . 3.22 -10.07 -9.00
O4 PGE K . 4.78 -11.06 -12.77
C6 PGE K . 4.01 -11.99 -12.02
C5 PGE K . 4.10 -11.63 -10.55
O3 PGE K . 3.57 -10.34 -10.35
#